data_1T32
#
_entry.id   1T32
#
_cell.length_a   38.800
_cell.length_b   62.300
_cell.length_c   79.300
_cell.angle_alpha   90.00
_cell.angle_beta   90.00
_cell.angle_gamma   90.00
#
_symmetry.space_group_name_H-M   'P 21 21 21'
#
loop_
_entity.id
_entity.type
_entity.pdbx_description
1 polymer 'Cathepsin G'
2 non-polymer 'SULFATE ION'
3 non-polymer '2-[3-({METHYL[1-(2-NAPHTHOYL)PIPERIDIN-4-YL]AMINO}CARBONYL)-2-NAPHTHYL]-1-(1-NAPHTHYL)-2-OXOETHYLPHOSPHONIC ACID'
4 water water
#
_entity_poly.entity_id   1
_entity_poly.type   'polypeptide(L)'
_entity_poly.pdbx_seq_one_letter_code
;IIGGRESRPHSRPYMAYLQIQSPAGQSRCGGFLVREDFVLTAAHCWGSNINVTLGAHNIQRRENTQQHITARRAIRHPQY
NQRTIQNDIMLLQLSRRVRRNRNVNPVALPRAQEGLRPGTLCTVAGWGRVSMRRGTDTLREVQLRVQRDRQCLRIFGSYD
PRRQICVGDRRERKAAFKGDSGGPLLCNNVAHGIVSYGKSSGVPPEVFTRVSSFLPWIRTTMRS
;
_entity_poly.pdbx_strand_id   A
#
# COMPACT_ATOMS: atom_id res chain seq x y z
N ILE A 1 0.41 -7.24 8.57
CA ILE A 1 -0.77 -6.74 9.34
C ILE A 1 -0.74 -7.31 10.77
N ILE A 2 -0.70 -6.41 11.76
CA ILE A 2 -0.69 -6.80 13.17
C ILE A 2 -2.10 -6.70 13.75
N GLY A 3 -2.53 -7.75 14.44
CA GLY A 3 -3.85 -7.74 15.07
C GLY A 3 -5.03 -7.81 14.13
N GLY A 4 -4.80 -8.33 12.93
CA GLY A 4 -5.89 -8.42 11.97
C GLY A 4 -6.46 -9.81 11.78
N ARG A 5 -7.19 -9.96 10.67
CA ARG A 5 -7.86 -11.21 10.33
C ARG A 5 -7.47 -11.62 8.90
N GLU A 6 -7.57 -12.90 8.58
CA GLU A 6 -7.27 -13.33 7.23
C GLU A 6 -8.42 -12.76 6.38
N SER A 7 -8.09 -12.22 5.20
CA SER A 7 -9.11 -11.63 4.33
C SER A 7 -9.89 -12.73 3.63
N ARG A 8 -11.16 -12.46 3.32
CA ARG A 8 -11.93 -13.45 2.58
C ARG A 8 -11.22 -13.46 1.23
N PRO A 9 -10.89 -14.67 0.73
CA PRO A 9 -10.19 -14.78 -0.55
C PRO A 9 -10.80 -13.98 -1.70
N HIS A 10 -9.95 -13.21 -2.37
CA HIS A 10 -10.33 -12.41 -3.50
C HIS A 10 -11.37 -11.32 -3.24
N SER A 11 -11.49 -10.90 -1.97
CA SER A 11 -12.43 -9.85 -1.61
C SER A 11 -11.85 -8.46 -1.90
N ARG A 12 -10.55 -8.42 -2.20
CA ARG A 12 -9.86 -7.17 -2.53
C ARG A 12 -9.04 -7.44 -3.79
N PRO A 13 -9.74 -7.62 -4.93
CA PRO A 13 -9.14 -7.90 -6.24
C PRO A 13 -8.13 -6.92 -6.81
N TYR A 14 -7.95 -5.78 -6.15
CA TYR A 14 -6.98 -4.77 -6.60
C TYR A 14 -5.63 -5.00 -5.95
N MET A 15 -5.58 -5.88 -4.95
CA MET A 15 -4.32 -6.12 -4.23
C MET A 15 -3.23 -6.68 -5.12
N ALA A 16 -2.03 -6.12 -4.98
CA ALA A 16 -0.86 -6.55 -5.72
C ALA A 16 0.26 -6.90 -4.76
N TYR A 17 0.95 -8.00 -5.05
CA TYR A 17 2.07 -8.46 -4.24
C TYR A 17 3.32 -8.16 -5.05
N LEU A 18 4.26 -7.43 -4.45
CA LEU A 18 5.49 -7.07 -5.15
C LEU A 18 6.73 -7.77 -4.61
N GLN A 19 7.57 -8.24 -5.52
CA GLN A 19 8.84 -8.86 -5.18
C GLN A 19 9.89 -7.98 -5.85
N ILE A 20 10.65 -7.26 -5.04
CA ILE A 20 11.66 -6.32 -5.54
C ILE A 20 13.05 -6.94 -5.56
N GLN A 21 13.70 -6.85 -6.72
CA GLN A 21 15.04 -7.40 -6.97
C GLN A 21 14.91 -8.90 -7.18
N SER A 22 14.89 -9.32 -8.43
CA SER A 22 14.76 -10.72 -8.80
C SER A 22 14.95 -11.74 -7.68
N PRO A 23 16.14 -11.78 -7.05
CA PRO A 23 16.39 -12.73 -5.96
C PRO A 23 15.18 -13.00 -5.08
N ALA A 24 14.64 -14.21 -5.18
CA ALA A 24 13.47 -14.61 -4.41
C ALA A 24 13.69 -14.36 -2.91
N GLY A 25 12.90 -13.46 -2.34
CA GLY A 25 13.03 -13.16 -0.94
C GLY A 25 14.04 -12.06 -0.67
N GLN A 26 14.27 -11.21 -1.67
CA GLN A 26 15.21 -10.11 -1.53
C GLN A 26 14.51 -8.88 -0.96
N SER A 27 13.20 -8.76 -1.23
CA SER A 27 12.40 -7.63 -0.74
C SER A 27 10.92 -7.78 -1.11
N ARG A 28 10.04 -7.59 -0.13
CA ARG A 28 8.61 -7.72 -0.32
C ARG A 28 7.79 -6.46 -0.01
N CYS A 29 6.82 -6.14 -0.87
CA CYS A 29 5.95 -4.98 -0.69
C CYS A 29 4.55 -5.24 -1.21
N GLY A 30 3.63 -4.36 -0.83
CA GLY A 30 2.26 -4.46 -1.31
C GLY A 30 2.04 -3.37 -2.32
N GLY A 31 0.86 -3.33 -2.90
CA GLY A 31 0.52 -2.33 -3.89
C GLY A 31 -0.92 -2.57 -4.31
N PHE A 32 -1.44 -1.73 -5.20
CA PHE A 32 -2.80 -1.91 -5.66
C PHE A 32 -3.03 -1.41 -7.09
N LEU A 33 -3.81 -2.17 -7.84
CA LEU A 33 -4.11 -1.85 -9.23
C LEU A 33 -5.02 -0.61 -9.31
N VAL A 34 -4.61 0.38 -10.11
CA VAL A 34 -5.43 1.58 -10.30
C VAL A 34 -5.97 1.66 -11.73
N ARG A 35 -5.39 0.86 -12.61
CA ARG A 35 -5.82 0.75 -14.00
C ARG A 35 -5.25 -0.58 -14.49
N GLU A 36 -5.76 -1.12 -15.59
CA GLU A 36 -5.28 -2.41 -16.08
C GLU A 36 -3.79 -2.45 -16.38
N ASP A 37 -3.15 -1.29 -16.47
CA ASP A 37 -1.74 -1.22 -16.78
C ASP A 37 -0.88 -0.54 -15.72
N PHE A 38 -1.49 -0.12 -14.62
CA PHE A 38 -0.76 0.56 -13.55
C PHE A 38 -1.09 0.09 -12.13
N VAL A 39 -0.04 -0.01 -11.32
CA VAL A 39 -0.16 -0.41 -9.92
C VAL A 39 0.44 0.73 -9.07
N LEU A 40 -0.27 1.14 -8.04
CA LEU A 40 0.23 2.20 -7.16
C LEU A 40 0.87 1.53 -5.94
N THR A 41 1.98 2.09 -5.46
CA THR A 41 2.68 1.53 -4.31
C THR A 41 3.57 2.60 -3.69
N ALA A 42 4.48 2.19 -2.81
CA ALA A 42 5.37 3.14 -2.14
C ALA A 42 6.71 3.26 -2.85
N ALA A 43 7.25 4.47 -2.92
CA ALA A 43 8.53 4.72 -3.58
C ALA A 43 9.71 4.08 -2.86
N HIS A 44 9.61 3.86 -1.55
CA HIS A 44 10.74 3.23 -0.87
C HIS A 44 10.85 1.75 -1.24
N CYS A 45 9.88 1.26 -2.02
CA CYS A 45 9.88 -0.14 -2.46
C CYS A 45 10.55 -0.26 -3.84
N TRP A 46 11.05 0.85 -4.35
CA TRP A 46 11.70 0.86 -5.67
C TRP A 46 12.84 -0.14 -5.79
N GLY A 47 12.96 -0.71 -6.99
CA GLY A 47 14.01 -1.65 -7.28
C GLY A 47 14.17 -1.67 -8.78
N SER A 48 15.30 -2.16 -9.28
CA SER A 48 15.54 -2.22 -10.71
C SER A 48 14.75 -3.35 -11.35
N ASN A 49 14.29 -4.29 -10.54
CA ASN A 49 13.53 -5.43 -11.04
C ASN A 49 12.35 -5.71 -10.10
N ILE A 50 11.14 -5.50 -10.60
CA ILE A 50 9.95 -5.75 -9.81
C ILE A 50 8.96 -6.67 -10.50
N ASN A 51 8.68 -7.78 -9.83
CA ASN A 51 7.75 -8.80 -10.31
C ASN A 51 6.42 -8.59 -9.57
N VAL A 52 5.35 -8.43 -10.32
CA VAL A 52 4.03 -8.20 -9.74
C VAL A 52 3.10 -9.40 -9.86
N THR A 53 2.40 -9.70 -8.76
CA THR A 53 1.44 -10.80 -8.75
C THR A 53 0.05 -10.23 -8.41
N LEU A 54 -0.89 -10.40 -9.31
CA LEU A 54 -2.27 -9.96 -9.09
C LEU A 54 -3.15 -11.20 -8.92
N GLY A 55 -4.35 -11.01 -8.38
CA GLY A 55 -5.32 -12.08 -8.20
C GLY A 55 -4.96 -13.17 -7.20
N ALA A 56 -4.09 -12.85 -6.26
CA ALA A 56 -3.68 -13.84 -5.30
C ALA A 56 -4.31 -13.75 -3.93
N HIS A 57 -4.25 -14.88 -3.22
CA HIS A 57 -4.67 -14.95 -1.85
C HIS A 57 -3.41 -15.49 -1.14
N ASN A 58 -2.94 -16.66 -1.56
CA ASN A 58 -1.71 -17.24 -1.00
C ASN A 58 -0.61 -16.95 -2.01
N ILE A 59 0.30 -16.02 -1.67
CA ILE A 59 1.36 -15.66 -2.60
C ILE A 59 2.52 -16.64 -2.68
N GLN A 60 2.42 -17.75 -1.96
CA GLN A 60 3.47 -18.76 -1.99
C GLN A 60 3.00 -19.98 -2.79
N ARG A 61 1.90 -19.81 -3.53
CA ARG A 61 1.35 -20.86 -4.38
C ARG A 61 1.04 -20.27 -5.75
N ARG A 62 1.29 -21.02 -6.82
CA ARG A 62 0.97 -20.52 -8.16
C ARG A 62 -0.51 -20.83 -8.40
N GLU A 63 -1.38 -19.98 -7.84
CA GLU A 63 -2.82 -20.14 -7.95
C GLU A 63 -3.35 -19.89 -9.36
N ASN A 64 -4.47 -20.53 -9.69
CA ASN A 64 -5.09 -20.38 -11.01
C ASN A 64 -5.60 -18.97 -11.27
N THR A 65 -5.92 -18.25 -10.21
CA THR A 65 -6.44 -16.88 -10.29
C THR A 65 -5.36 -15.82 -10.49
N GLN A 66 -4.10 -16.20 -10.29
CA GLN A 66 -3.01 -15.24 -10.41
C GLN A 66 -2.60 -14.86 -11.83
N GLN A 67 -2.09 -13.63 -11.94
CA GLN A 67 -1.58 -13.08 -13.19
C GLN A 67 -0.24 -12.50 -12.79
N HIS A 68 0.82 -12.94 -13.46
CA HIS A 68 2.18 -12.51 -13.15
C HIS A 68 2.70 -11.56 -14.22
N ILE A 69 3.05 -10.35 -13.81
CA ILE A 69 3.53 -9.33 -14.72
C ILE A 69 4.69 -8.57 -14.09
N THR A 70 5.67 -8.21 -14.90
CA THR A 70 6.81 -7.46 -14.40
C THR A 70 6.58 -5.97 -14.61
N ALA A 71 7.21 -5.15 -13.78
CA ALA A 71 7.07 -3.71 -13.90
C ALA A 71 7.94 -3.25 -15.06
N ARG A 72 7.31 -2.71 -16.09
CA ARG A 72 8.01 -2.21 -17.27
C ARG A 72 8.73 -0.92 -16.87
N ARG A 73 8.07 -0.16 -15.99
CA ARG A 73 8.62 1.08 -15.47
C ARG A 73 8.23 1.26 -14.01
N ALA A 74 9.19 1.63 -13.19
CA ALA A 74 8.96 1.87 -11.75
C ALA A 74 9.23 3.35 -11.58
N ILE A 75 8.16 4.14 -11.65
CA ILE A 75 8.26 5.60 -11.56
C ILE A 75 8.09 6.18 -10.17
N ARG A 76 9.22 6.54 -9.55
CA ARG A 76 9.22 7.15 -8.22
C ARG A 76 8.76 8.60 -8.34
N HIS A 77 8.08 9.09 -7.31
CA HIS A 77 7.61 10.48 -7.34
C HIS A 77 8.87 11.36 -7.47
N PRO A 78 8.82 12.37 -8.34
CA PRO A 78 9.98 13.24 -8.53
C PRO A 78 10.59 13.86 -7.27
N GLN A 79 9.79 14.10 -6.25
CA GLN A 79 10.31 14.68 -5.01
C GLN A 79 10.41 13.68 -3.88
N TYR A 80 10.47 12.40 -4.20
CA TYR A 80 10.59 11.37 -3.16
C TYR A 80 11.94 11.54 -2.46
N ASN A 81 11.90 11.61 -1.14
CA ASN A 81 13.09 11.80 -0.31
C ASN A 81 13.22 10.57 0.58
N GLN A 82 14.15 9.67 0.26
CA GLN A 82 14.32 8.46 1.05
C GLN A 82 14.82 8.72 2.47
N ARG A 83 15.47 9.85 2.68
CA ARG A 83 16.00 10.18 4.00
C ARG A 83 14.88 10.58 4.96
N THR A 84 13.97 11.42 4.48
CA THR A 84 12.86 11.90 5.31
C THR A 84 11.58 11.08 5.06
N ILE A 85 11.62 10.26 4.01
CA ILE A 85 10.49 9.43 3.59
C ILE A 85 9.28 10.25 3.15
N GLN A 86 9.54 11.44 2.60
CA GLN A 86 8.47 12.31 2.12
C GLN A 86 8.14 11.93 0.68
N ASN A 87 6.89 12.14 0.29
CA ASN A 87 6.44 11.81 -1.06
C ASN A 87 6.71 10.34 -1.40
N ASP A 88 6.38 9.47 -0.44
CA ASP A 88 6.58 8.04 -0.59
C ASP A 88 5.48 7.44 -1.46
N ILE A 89 5.61 7.60 -2.77
CA ILE A 89 4.62 7.09 -3.71
C ILE A 89 5.27 6.80 -5.05
N MET A 90 4.84 5.71 -5.66
CA MET A 90 5.42 5.26 -6.93
C MET A 90 4.39 4.56 -7.80
N LEU A 91 4.48 4.77 -9.11
CA LEU A 91 3.59 4.13 -10.05
C LEU A 91 4.36 3.09 -10.84
N LEU A 92 3.78 1.91 -10.97
CA LEU A 92 4.42 0.84 -11.73
C LEU A 92 3.61 0.60 -13.00
N GLN A 93 4.24 0.83 -14.14
CA GLN A 93 3.57 0.57 -15.41
C GLN A 93 3.88 -0.90 -15.66
N LEU A 94 2.85 -1.71 -15.87
CA LEU A 94 3.03 -3.13 -16.06
C LEU A 94 3.52 -3.45 -17.49
N SER A 95 4.33 -4.50 -17.63
CA SER A 95 4.85 -4.89 -18.94
C SER A 95 3.69 -5.21 -19.88
N ARG A 96 2.56 -5.62 -19.30
CA ARG A 96 1.38 -5.91 -20.08
C ARG A 96 0.11 -5.66 -19.27
N ARG A 97 -0.99 -5.37 -19.96
CA ARG A 97 -2.25 -5.13 -19.28
C ARG A 97 -2.82 -6.43 -18.74
N VAL A 98 -3.37 -6.37 -17.54
CA VAL A 98 -3.97 -7.55 -16.91
C VAL A 98 -5.27 -7.85 -17.62
N ARG A 99 -5.77 -9.06 -17.44
CA ARG A 99 -7.05 -9.45 -17.99
C ARG A 99 -7.97 -9.15 -16.83
N ARG A 100 -8.80 -8.14 -16.98
CA ARG A 100 -9.71 -7.75 -15.90
C ARG A 100 -10.80 -8.78 -15.66
N ASN A 101 -10.97 -9.17 -14.40
CA ASN A 101 -11.99 -10.15 -14.02
C ASN A 101 -12.33 -10.01 -12.53
N ARG A 102 -13.18 -10.91 -12.04
CA ARG A 102 -13.59 -10.89 -10.65
C ARG A 102 -12.45 -10.90 -9.63
N ASN A 103 -11.33 -11.52 -9.99
CA ASN A 103 -10.18 -11.61 -9.08
C ASN A 103 -9.08 -10.57 -9.31
N VAL A 104 -9.15 -9.88 -10.43
CA VAL A 104 -8.16 -8.87 -10.79
C VAL A 104 -8.82 -7.64 -11.42
N ASN A 105 -9.02 -6.58 -10.63
CA ASN A 105 -9.61 -5.35 -11.14
C ASN A 105 -9.16 -4.14 -10.30
N PRO A 106 -9.24 -2.93 -10.87
CA PRO A 106 -8.81 -1.70 -10.16
C PRO A 106 -9.65 -1.28 -8.98
N VAL A 107 -9.06 -0.41 -8.15
CA VAL A 107 -9.76 0.11 -6.99
C VAL A 107 -10.01 1.60 -7.19
N ALA A 108 -11.10 2.11 -6.62
CA ALA A 108 -11.44 3.52 -6.77
C ALA A 108 -10.48 4.37 -5.96
N LEU A 109 -10.09 5.52 -6.52
CA LEU A 109 -9.19 6.44 -5.84
C LEU A 109 -10.00 7.63 -5.34
N PRO A 110 -9.44 8.40 -4.40
CA PRO A 110 -10.15 9.57 -3.88
C PRO A 110 -10.07 10.71 -4.89
N ARG A 111 -10.92 11.70 -4.73
CA ARG A 111 -10.89 12.84 -5.61
C ARG A 111 -9.75 13.72 -5.12
N ALA A 112 -9.24 14.59 -5.99
CA ALA A 112 -8.14 15.48 -5.63
C ALA A 112 -8.42 16.25 -4.34
N GLN A 113 -7.45 16.25 -3.44
CA GLN A 113 -7.50 16.99 -2.17
C GLN A 113 -8.52 16.51 -1.14
N GLU A 114 -9.09 15.33 -1.34
CA GLU A 114 -10.06 14.80 -0.39
C GLU A 114 -9.30 14.45 0.89
N GLY A 115 -9.83 14.92 2.02
CA GLY A 115 -9.19 14.66 3.31
C GLY A 115 -9.85 13.51 4.05
N LEU A 116 -9.52 13.36 5.34
CA LEU A 116 -10.06 12.27 6.15
C LEU A 116 -10.18 12.73 7.61
N ARG A 117 -11.39 12.76 8.16
CA ARG A 117 -11.60 13.19 9.55
C ARG A 117 -11.07 12.19 10.56
N PRO A 118 -10.40 12.68 11.62
CA PRO A 118 -9.87 11.78 12.65
C PRO A 118 -11.04 11.00 13.24
N GLY A 119 -10.81 9.74 13.57
CA GLY A 119 -11.88 8.93 14.12
C GLY A 119 -12.53 8.05 13.07
N THR A 120 -12.30 8.34 11.79
CA THR A 120 -12.86 7.53 10.71
C THR A 120 -12.21 6.15 10.72
N LEU A 121 -13.03 5.11 10.52
CA LEU A 121 -12.51 3.75 10.51
C LEU A 121 -12.16 3.33 9.08
N CYS A 122 -10.92 2.91 8.87
CA CYS A 122 -10.49 2.46 7.54
C CYS A 122 -9.91 1.05 7.65
N THR A 123 -9.65 0.43 6.50
CA THR A 123 -9.07 -0.90 6.46
C THR A 123 -7.80 -0.95 5.62
N VAL A 124 -6.78 -1.62 6.13
CA VAL A 124 -5.53 -1.78 5.38
C VAL A 124 -5.33 -3.28 5.21
N ALA A 125 -4.79 -3.69 4.07
CA ALA A 125 -4.59 -5.10 3.78
C ALA A 125 -3.18 -5.36 3.27
N GLY A 126 -2.69 -6.58 3.49
CA GLY A 126 -1.37 -6.90 3.01
C GLY A 126 -0.85 -8.27 3.43
N TRP A 127 0.31 -8.61 2.88
CA TRP A 127 0.96 -9.90 3.15
C TRP A 127 2.16 -9.67 4.06
N GLY A 128 2.15 -8.53 4.76
CA GLY A 128 3.23 -8.19 5.67
C GLY A 128 3.24 -8.99 6.96
N ARG A 129 4.20 -8.67 7.83
CA ARG A 129 4.36 -9.40 9.08
C ARG A 129 3.24 -9.17 10.09
N VAL A 130 2.92 -10.19 10.87
CA VAL A 130 1.88 -10.08 11.87
C VAL A 130 2.50 -9.82 13.24
N SER A 131 3.82 -9.89 13.30
CA SER A 131 4.60 -9.66 14.53
C SER A 131 6.07 -9.61 14.09
N MET A 132 6.97 -9.33 15.02
CA MET A 132 8.37 -9.30 14.64
C MET A 132 8.83 -10.69 14.15
N ARG A 133 8.34 -11.73 14.81
CA ARG A 133 8.73 -13.10 14.46
C ARG A 133 7.92 -13.81 13.37
N ARG A 134 6.67 -13.45 13.19
CA ARG A 134 5.84 -14.14 12.22
C ARG A 134 5.32 -13.36 11.02
N GLY A 135 5.31 -14.03 9.88
CA GLY A 135 4.78 -13.43 8.66
C GLY A 135 3.53 -14.20 8.28
N THR A 136 3.10 -14.06 7.03
CA THR A 136 1.92 -14.74 6.53
C THR A 136 2.09 -15.04 5.04
N ASP A 137 1.46 -16.14 4.59
CA ASP A 137 1.49 -16.54 3.20
C ASP A 137 0.23 -16.00 2.51
N THR A 138 -0.80 -15.74 3.31
CA THR A 138 -2.07 -15.28 2.80
C THR A 138 -2.44 -13.87 3.20
N LEU A 139 -3.29 -13.23 2.39
CA LEU A 139 -3.73 -11.85 2.61
C LEU A 139 -4.49 -11.67 3.92
N ARG A 140 -4.09 -10.66 4.70
CA ARG A 140 -4.74 -10.34 5.97
C ARG A 140 -5.12 -8.86 5.93
N GLU A 141 -5.99 -8.44 6.86
CA GLU A 141 -6.43 -7.06 6.90
C GLU A 141 -6.87 -6.68 8.31
N VAL A 142 -6.90 -5.39 8.59
CA VAL A 142 -7.29 -4.92 9.90
C VAL A 142 -7.94 -3.54 9.80
N GLN A 143 -8.84 -3.22 10.72
CA GLN A 143 -9.49 -1.91 10.71
C GLN A 143 -8.77 -0.97 11.68
N LEU A 144 -8.45 0.23 11.22
CA LEU A 144 -7.74 1.22 12.04
C LEU A 144 -8.45 2.55 11.99
N ARG A 145 -8.30 3.35 13.05
CA ARG A 145 -8.93 4.66 13.09
C ARG A 145 -7.95 5.78 12.77
N VAL A 146 -8.39 6.68 11.89
CA VAL A 146 -7.57 7.81 11.50
C VAL A 146 -7.33 8.64 12.76
N GLN A 147 -6.09 9.10 12.95
CA GLN A 147 -5.72 9.89 14.13
C GLN A 147 -5.59 11.36 13.80
N ARG A 148 -5.65 12.20 14.84
CA ARG A 148 -5.46 13.64 14.64
C ARG A 148 -4.02 13.78 14.20
N ASP A 149 -3.77 14.68 13.27
CA ASP A 149 -2.43 14.92 12.73
C ASP A 149 -1.41 15.27 13.80
N ARG A 150 -1.85 15.95 14.85
CA ARG A 150 -0.96 16.37 15.93
C ARG A 150 -0.14 15.23 16.52
N GLN A 151 -0.70 14.02 16.54
CA GLN A 151 0.03 12.87 17.09
C GLN A 151 1.26 12.51 16.25
N CYS A 152 1.08 12.44 14.94
CA CYS A 152 2.20 12.11 14.06
C CYS A 152 3.16 13.30 13.95
N LEU A 153 2.63 14.51 14.09
CA LEU A 153 3.49 15.70 14.01
C LEU A 153 4.47 15.70 15.19
N ARG A 154 4.05 15.10 16.31
CA ARG A 154 4.89 15.03 17.50
C ARG A 154 5.87 13.86 17.41
N ILE A 155 5.38 12.71 16.99
CA ILE A 155 6.19 11.50 16.89
C ILE A 155 7.15 11.43 15.72
N PHE A 156 6.67 11.76 14.52
CA PHE A 156 7.48 11.68 13.30
C PHE A 156 7.95 13.05 12.79
N GLY A 157 9.26 13.18 12.66
CA GLY A 157 9.88 14.42 12.22
C GLY A 157 9.40 15.25 11.05
N SER A 158 9.29 14.66 9.86
CA SER A 158 8.92 15.42 8.67
C SER A 158 7.44 15.42 8.24
N TYR A 159 6.58 14.85 9.06
CA TYR A 159 5.16 14.74 8.74
C TYR A 159 4.47 15.99 8.17
N ASP A 160 3.72 15.78 7.08
CA ASP A 160 2.98 16.85 6.43
C ASP A 160 1.54 16.35 6.29
N PRO A 161 0.60 16.90 7.06
CA PRO A 161 -0.81 16.51 7.02
C PRO A 161 -1.50 16.55 5.66
N ARG A 162 -0.96 17.32 4.72
CA ARG A 162 -1.57 17.38 3.40
C ARG A 162 -1.19 16.17 2.57
N ARG A 163 0.07 15.75 2.68
CA ARG A 163 0.61 14.65 1.90
C ARG A 163 0.68 13.29 2.59
N GLN A 164 0.38 13.27 3.88
CA GLN A 164 0.43 12.04 4.66
C GLN A 164 -0.80 11.90 5.57
N ILE A 165 -1.05 10.70 6.06
CA ILE A 165 -2.18 10.44 6.95
C ILE A 165 -1.63 9.81 8.23
N CYS A 166 -2.19 10.19 9.38
CA CYS A 166 -1.79 9.66 10.68
C CYS A 166 -2.86 8.62 11.00
N VAL A 167 -2.44 7.38 11.16
CA VAL A 167 -3.40 6.30 11.37
C VAL A 167 -3.06 5.32 12.47
N GLY A 168 -4.09 4.86 13.18
CA GLY A 168 -3.88 3.89 14.22
C GLY A 168 -3.94 4.39 15.66
N ASP A 169 -4.89 3.86 16.43
CA ASP A 169 -5.05 4.24 17.83
C ASP A 169 -4.00 3.48 18.62
N ARG A 170 -3.17 4.23 19.34
CA ARG A 170 -2.09 3.65 20.14
C ARG A 170 -2.65 2.67 21.19
N ARG A 171 -3.93 2.78 21.50
CA ARG A 171 -4.56 1.92 22.50
C ARG A 171 -4.93 0.51 22.01
N GLU A 172 -4.64 0.19 20.76
CA GLU A 172 -4.95 -1.14 20.24
C GLU A 172 -3.75 -1.71 19.48
N ARG A 173 -3.56 -3.02 19.53
CA ARG A 173 -2.45 -3.61 18.79
C ARG A 173 -2.97 -3.99 17.40
N LYS A 174 -3.19 -2.98 16.58
CA LYS A 174 -3.67 -3.15 15.22
C LYS A 174 -2.90 -2.15 14.38
N ALA A 175 -2.38 -2.59 13.24
CA ALA A 175 -1.62 -1.67 12.38
C ALA A 175 -1.02 -2.37 11.18
N ALA A 176 -0.66 -1.59 10.17
CA ALA A 176 0.02 -2.13 8.99
C ALA A 176 1.45 -2.25 9.52
N PHE A 177 2.23 -3.18 8.98
CA PHE A 177 3.57 -3.37 9.48
C PHE A 177 4.56 -3.69 8.35
N LYS A 178 5.76 -4.13 8.71
CA LYS A 178 6.79 -4.44 7.73
C LYS A 178 6.26 -5.40 6.66
N GLY A 179 6.43 -5.04 5.39
CA GLY A 179 5.93 -5.92 4.33
C GLY A 179 4.59 -5.47 3.79
N ASP A 180 3.87 -4.65 4.55
CA ASP A 180 2.58 -4.12 4.10
C ASP A 180 2.80 -2.82 3.31
N SER A 181 4.02 -2.30 3.39
CA SER A 181 4.40 -1.08 2.68
C SER A 181 3.88 -1.11 1.25
N GLY A 182 3.32 0.00 0.79
CA GLY A 182 2.81 0.06 -0.56
C GLY A 182 1.35 -0.34 -0.69
N GLY A 183 0.84 -1.08 0.29
CA GLY A 183 -0.54 -1.52 0.27
C GLY A 183 -1.52 -0.38 0.47
N PRO A 184 -2.82 -0.60 0.19
CA PRO A 184 -3.81 0.47 0.35
C PRO A 184 -4.52 0.54 1.69
N LEU A 185 -4.95 1.75 2.03
CA LEU A 185 -5.74 2.01 3.23
C LEU A 185 -7.10 2.36 2.62
N LEU A 186 -8.09 1.51 2.80
CA LEU A 186 -9.41 1.75 2.24
C LEU A 186 -10.32 2.46 3.25
N CYS A 187 -10.81 3.64 2.91
CA CYS A 187 -11.72 4.36 3.80
C CYS A 187 -12.99 4.55 2.97
N ASN A 188 -14.09 3.95 3.42
CA ASN A 188 -15.34 4.02 2.68
C ASN A 188 -15.11 3.37 1.32
N ASN A 189 -14.28 2.33 1.34
CA ASN A 189 -13.94 1.52 0.17
C ASN A 189 -13.19 2.24 -0.97
N VAL A 190 -12.56 3.36 -0.64
CA VAL A 190 -11.76 4.14 -1.59
C VAL A 190 -10.34 4.13 -1.04
N ALA A 191 -9.35 4.00 -1.93
CA ALA A 191 -7.94 3.94 -1.51
C ALA A 191 -7.30 5.30 -1.19
N HIS A 192 -7.55 5.80 0.02
CA HIS A 192 -7.01 7.09 0.48
C HIS A 192 -5.53 7.06 0.81
N GLY A 193 -5.02 5.92 1.26
CA GLY A 193 -3.61 5.88 1.61
C GLY A 193 -2.77 4.73 1.12
N ILE A 194 -1.46 4.90 1.25
CA ILE A 194 -0.45 3.90 0.85
C ILE A 194 0.38 3.68 2.11
N VAL A 195 0.54 2.43 2.53
CA VAL A 195 1.34 2.17 3.73
C VAL A 195 2.76 2.68 3.47
N SER A 196 3.24 3.56 4.34
CA SER A 196 4.56 4.14 4.18
C SER A 196 5.52 3.67 5.29
N TYR A 197 5.28 4.08 6.53
CA TYR A 197 6.13 3.64 7.62
C TYR A 197 5.55 3.91 9.00
N GLY A 198 6.28 3.47 10.02
CA GLY A 198 5.86 3.67 11.41
C GLY A 198 7.00 3.21 12.29
N LYS A 199 6.77 3.08 13.59
CA LYS A 199 7.83 2.63 14.51
C LYS A 199 8.19 1.17 14.21
N SER A 200 9.43 0.79 14.45
CA SER A 200 9.86 -0.59 14.17
C SER A 200 9.14 -1.59 15.05
N SER A 201 8.51 -1.11 16.13
CA SER A 201 7.77 -1.96 17.04
C SER A 201 6.39 -2.28 16.47
N GLY A 202 5.93 -1.45 15.55
CA GLY A 202 4.61 -1.65 14.95
C GLY A 202 3.50 -1.02 15.78
N VAL A 203 3.86 -0.32 16.84
CA VAL A 203 2.87 0.33 17.67
C VAL A 203 2.46 1.64 17.00
N PRO A 204 1.17 1.81 16.70
CA PRO A 204 0.69 3.04 16.06
C PRO A 204 0.69 4.20 17.05
N PRO A 205 0.45 5.42 16.57
CA PRO A 205 0.18 5.89 15.21
C PRO A 205 1.27 5.58 14.18
N GLU A 206 0.86 5.37 12.93
CA GLU A 206 1.79 5.11 11.83
C GLU A 206 1.44 6.06 10.69
N VAL A 207 2.34 6.15 9.71
CA VAL A 207 2.17 7.08 8.60
C VAL A 207 1.83 6.43 7.26
N PHE A 208 0.85 7.01 6.56
CA PHE A 208 0.46 6.52 5.24
C PHE A 208 0.62 7.72 4.30
N THR A 209 0.88 7.45 3.02
CA THR A 209 0.98 8.52 2.04
C THR A 209 -0.47 8.85 1.66
N ARG A 210 -0.80 10.14 1.58
CA ARG A 210 -2.17 10.54 1.22
C ARG A 210 -2.31 10.62 -0.30
N VAL A 211 -2.93 9.59 -0.87
CA VAL A 211 -3.13 9.50 -2.31
C VAL A 211 -3.75 10.74 -2.95
N SER A 212 -4.75 11.34 -2.30
CA SER A 212 -5.45 12.52 -2.83
C SER A 212 -4.60 13.76 -3.09
N SER A 213 -3.38 13.80 -2.58
CA SER A 213 -2.52 14.96 -2.83
C SER A 213 -1.65 14.74 -4.05
N PHE A 214 -1.72 13.55 -4.64
CA PHE A 214 -0.91 13.23 -5.80
C PHE A 214 -1.67 12.95 -7.09
N LEU A 215 -2.97 13.22 -7.11
CA LEU A 215 -3.75 12.95 -8.32
C LEU A 215 -3.20 13.57 -9.61
N PRO A 216 -2.82 14.87 -9.57
CA PRO A 216 -2.29 15.49 -10.78
C PRO A 216 -1.14 14.67 -11.36
N TRP A 217 -0.18 14.33 -10.49
CA TRP A 217 0.99 13.55 -10.89
C TRP A 217 0.60 12.16 -11.38
N ILE A 218 -0.33 11.51 -10.67
CA ILE A 218 -0.78 10.18 -11.06
C ILE A 218 -1.44 10.26 -12.44
N ARG A 219 -2.29 11.28 -12.61
CA ARG A 219 -2.99 11.50 -13.87
C ARG A 219 -1.97 11.64 -14.99
N THR A 220 -1.10 12.63 -14.86
CA THR A 220 -0.07 12.88 -15.86
C THR A 220 0.74 11.64 -16.19
N THR A 221 1.29 10.99 -15.16
CA THR A 221 2.09 9.79 -15.38
C THR A 221 1.32 8.67 -16.11
N MET A 222 0.02 8.56 -15.87
CA MET A 222 -0.76 7.52 -16.51
C MET A 222 -1.28 7.93 -17.89
N ARG A 223 -1.39 9.24 -18.09
CA ARG A 223 -1.84 9.81 -19.36
C ARG A 223 -0.65 9.76 -20.32
N SER A 224 -0.14 8.55 -20.55
CA SER A 224 1.00 8.35 -21.44
C SER A 224 0.57 7.95 -22.85
#